data_6TF3
#
_entry.id   6TF3
#
_cell.length_a   57.530
_cell.length_b   58.150
_cell.length_c   191.140
_cell.angle_alpha   90.000
_cell.angle_beta   90.000
_cell.angle_gamma   90.000
#
_symmetry.space_group_name_H-M   'I 2 2 2'
#
loop_
_entity.id
_entity.type
_entity.pdbx_description
1 polymer 'Chains: A'
2 non-polymer 'MAGNESIUM ION'
3 non-polymer 'SODIUM ION'
4 non-polymer "3'-DEOXYADENOSINE-5'-TRIPHOSPHATE"
5 water water
#
_entity_poly.entity_id   1
_entity_poly.type   'polyribonucleotide'
_entity_poly.pdbx_seq_one_letter_code
;GGCUUCAACAACCCCGUAGGUUGGGCCGAAAGGCAGCGAAUCUACUGGAGCC
;
_entity_poly.pdbx_strand_id   A
#